data_9HAH
#
_entry.id   9HAH
#
_cell.length_a   281.068
_cell.length_b   281.068
_cell.length_c   281.068
_cell.angle_alpha   90.000
_cell.angle_beta   90.000
_cell.angle_gamma   90.000
#
_symmetry.space_group_name_H-M   'F 4 3 2'
#
loop_
_entity.id
_entity.type
_entity.pdbx_description
1 polymer 'Envelope phospholipase OPG057'
2 non-polymer Tecovirimat
3 non-polymer 'CITRIC ACID'
4 non-polymer GLYCEROL
5 water water
#
_entity_poly.entity_id   1
_entity_poly.type   'polypeptide(L)'
_entity_poly.pdbx_seq_one_letter_code
;HHHHHHHHGSGAGWSHPQFEKGGSGLVPRGSGSVPAGAKCRLVETLPENMDFRSDHLTTFECFNEIITLAKKYIYIASFC
CNPLSTTRGALIFDKLKEASEKGIKIIVLLDERGKRNLGELQSHCPDINFITVNIDKKNNVGLLLGCFWVSDDERCYVGN
ASFTGGSIHTIKTLGVYSDYPPLATDLRRRFDTFKAFNSAKNSAANLASAAAALPVSTAYHIKNPIGGVFFTDSPEHLLG
YSRDLDTDVVIDKLKSAKTSIDIEHLAIVPTTRVDGNSYYWPDIYNSIIEAAINRGVKIRLLVGNWDKNDVYSMATARSL
DALCVQNDLSVKVFTIQNNTKLLIVDDEYVHITSANFDGTHYQNHGFVSFNSIDKQLVSEAKKIFERDWVSSHSKSLKI
;
_entity_poly.pdbx_strand_id   A
#
loop_
_chem_comp.id
_chem_comp.type
_chem_comp.name
_chem_comp.formula
A1ICJ non-polymer Tecovirimat 'C19 H15 F3 N2 O3'
CIT non-polymer 'CITRIC ACID' 'C6 H8 O7'
GOL non-polymer GLYCEROL 'C3 H8 O3'
#
# COMPACT_ATOMS: atom_id res chain seq x y z
N SER A 33 -26.72 11.53 -5.88
CA SER A 33 -26.55 10.10 -5.62
C SER A 33 -25.08 9.70 -5.76
N VAL A 34 -24.63 8.85 -4.86
CA VAL A 34 -23.21 8.50 -4.78
C VAL A 34 -22.90 7.47 -5.86
N PRO A 35 -21.91 7.73 -6.72
CA PRO A 35 -21.58 6.77 -7.78
C PRO A 35 -20.96 5.50 -7.22
N ALA A 36 -21.51 4.35 -7.61
CA ALA A 36 -21.00 3.06 -7.13
C ALA A 36 -19.56 2.88 -7.57
N GLY A 37 -18.70 2.52 -6.62
CA GLY A 37 -17.27 2.45 -6.85
C GLY A 37 -16.53 3.75 -6.59
N ALA A 38 -17.26 4.83 -6.30
CA ALA A 38 -16.67 6.12 -5.92
C ALA A 38 -15.63 6.59 -6.95
N LYS A 39 -15.93 6.37 -8.23
CA LYS A 39 -15.12 6.86 -9.34
C LYS A 39 -13.72 6.23 -9.36
N CYS A 40 -13.57 5.04 -8.77
CA CYS A 40 -12.28 4.37 -8.68
C CYS A 40 -11.98 3.54 -9.92
N ARG A 41 -10.72 3.61 -10.34
CA ARG A 41 -10.20 2.79 -11.43
C ARG A 41 -8.82 2.31 -11.04
N LEU A 42 -8.46 1.11 -11.50
CA LEU A 42 -7.15 0.57 -11.15
C LEU A 42 -6.03 1.28 -11.89
N VAL A 43 -4.83 1.20 -11.31
CA VAL A 43 -3.64 1.85 -11.81
C VAL A 43 -2.48 0.86 -11.68
N GLU A 44 -1.63 0.82 -12.70
CA GLU A 44 -0.58 -0.18 -12.75
C GLU A 44 0.73 0.40 -13.27
N THR A 45 1.84 -0.11 -12.73
CA THR A 45 3.15 0.00 -13.35
C THR A 45 3.46 -1.36 -13.96
N LEU A 46 3.53 -1.43 -15.29
CA LEU A 46 3.80 -2.67 -16.01
C LEU A 46 5.09 -2.49 -16.81
N PRO A 47 6.23 -2.82 -16.23
CA PRO A 47 7.51 -2.50 -16.87
C PRO A 47 7.68 -3.19 -18.22
N GLU A 48 8.42 -2.51 -19.12
CA GLU A 48 8.58 -2.96 -20.50
C GLU A 48 9.20 -4.35 -20.60
N ASN A 49 10.13 -4.65 -19.69
CA ASN A 49 10.85 -5.91 -19.74
C ASN A 49 10.12 -7.04 -19.03
N MET A 50 8.85 -6.85 -18.65
CA MET A 50 8.00 -7.88 -18.10
C MET A 50 6.80 -8.09 -19.01
N ASP A 51 6.10 -9.21 -18.83
CA ASP A 51 5.07 -9.61 -19.79
C ASP A 51 3.67 -9.15 -19.41
N PHE A 52 3.51 -8.44 -18.30
CA PHE A 52 2.19 -7.98 -17.89
C PHE A 52 1.68 -6.92 -18.85
N ARG A 53 0.40 -7.03 -19.22
CA ARG A 53 -0.27 -6.03 -20.03
C ARG A 53 -1.67 -5.79 -19.46
N SER A 54 -2.17 -4.56 -19.64
CA SER A 54 -3.55 -4.22 -19.31
C SER A 54 -3.89 -2.89 -19.96
N ASP A 55 -5.17 -2.56 -19.93
CA ASP A 55 -5.66 -1.28 -20.42
C ASP A 55 -5.74 -0.23 -19.32
N HIS A 56 -5.27 -0.54 -18.13
CA HIS A 56 -5.47 0.36 -17.01
C HIS A 56 -4.59 1.59 -17.13
N LEU A 57 -5.04 2.66 -16.50
CA LEU A 57 -4.22 3.86 -16.32
C LEU A 57 -2.88 3.49 -15.71
N THR A 58 -1.80 3.99 -16.29
CA THR A 58 -0.51 3.64 -15.72
C THR A 58 -0.17 4.60 -14.59
N THR A 59 0.73 4.15 -13.71
CA THR A 59 1.18 5.03 -12.63
C THR A 59 1.72 6.34 -13.20
N PHE A 60 2.44 6.26 -14.32
CA PHE A 60 3.00 7.47 -14.93
C PHE A 60 1.89 8.38 -15.43
N GLU A 61 0.92 7.82 -16.17
CA GLU A 61 -0.23 8.62 -16.60
C GLU A 61 -0.98 9.20 -15.41
N CYS A 62 -1.18 8.38 -14.37
CA CYS A 62 -1.96 8.81 -13.22
C CYS A 62 -1.32 10.01 -12.54
N PHE A 63 -0.01 9.92 -12.23
CA PHE A 63 0.66 11.04 -11.58
C PHE A 63 0.65 12.29 -12.48
N ASN A 64 0.80 12.10 -13.79
CA ASN A 64 0.74 13.25 -14.68
C ASN A 64 -0.63 13.92 -14.62
N GLU A 65 -1.70 13.11 -14.51
CA GLU A 65 -3.04 13.67 -14.42
C GLU A 65 -3.20 14.50 -13.14
N ILE A 66 -2.79 13.93 -12.00
CA ILE A 66 -2.94 14.65 -10.73
C ILE A 66 -2.20 15.98 -10.78
N ILE A 67 -0.98 15.99 -11.33
CA ILE A 67 -0.22 17.23 -11.40
C ILE A 67 -0.86 18.21 -12.37
N THR A 68 -1.34 17.72 -13.51
CA THR A 68 -1.86 18.61 -14.54
C THR A 68 -3.13 19.33 -14.07
N LEU A 69 -3.99 18.62 -13.33
CA LEU A 69 -5.27 19.14 -12.89
C LEU A 69 -5.20 19.90 -11.57
N ALA A 70 -4.03 19.98 -10.93
CA ALA A 70 -3.98 20.54 -9.58
C ALA A 70 -4.11 22.06 -9.64
N LYS A 71 -4.93 22.59 -8.74
CA LYS A 71 -5.13 24.03 -8.61
C LYS A 71 -4.76 24.60 -7.25
N LYS A 72 -4.77 23.79 -6.18
CA LYS A 72 -4.44 24.28 -4.84
C LYS A 72 -3.23 23.58 -4.25
N TYR A 73 -3.25 22.25 -4.13
CA TYR A 73 -2.17 21.55 -3.46
C TYR A 73 -1.98 20.17 -4.09
N ILE A 74 -0.80 19.61 -3.88
CA ILE A 74 -0.53 18.19 -4.09
C ILE A 74 0.21 17.67 -2.86
N TYR A 75 -0.37 16.68 -2.20
CA TYR A 75 0.22 16.05 -1.03
C TYR A 75 0.59 14.63 -1.39
N ILE A 76 1.84 14.26 -1.14
CA ILE A 76 2.39 12.96 -1.49
C ILE A 76 3.00 12.35 -0.24
N ALA A 77 2.79 11.06 -0.04
CA ALA A 77 3.37 10.36 1.10
C ALA A 77 3.86 9.00 0.63
N SER A 78 5.11 8.68 0.97
CA SER A 78 5.64 7.35 0.74
C SER A 78 6.89 7.21 1.60
N PHE A 79 7.40 5.98 1.68
CA PHE A 79 8.54 5.74 2.53
C PHE A 79 9.76 6.51 2.05
N CYS A 80 10.20 6.22 0.83
CA CYS A 80 11.35 6.86 0.20
C CYS A 80 10.85 7.88 -0.82
N CYS A 81 11.68 8.86 -1.13
CA CYS A 81 11.44 9.74 -2.26
C CYS A 81 12.71 9.75 -3.11
N ASN A 82 12.60 9.24 -4.34
CA ASN A 82 13.76 9.13 -5.24
C ASN A 82 13.29 9.12 -6.69
N PRO A 83 12.76 10.23 -7.17
CA PRO A 83 12.20 10.24 -8.53
C PRO A 83 13.26 10.10 -9.60
N LEU A 84 14.48 10.57 -9.35
CA LEU A 84 15.47 10.74 -10.41
C LEU A 84 16.10 9.43 -10.86
N SER A 85 15.66 8.28 -10.36
CA SER A 85 16.32 7.03 -10.70
C SER A 85 15.92 6.46 -12.06
N THR A 86 14.84 6.96 -12.68
CA THR A 86 14.40 6.47 -13.97
C THR A 86 13.91 7.64 -14.83
N THR A 87 13.71 7.33 -16.12
CA THR A 87 13.29 8.36 -17.07
C THR A 87 11.92 8.90 -16.71
N ARG A 88 10.95 8.02 -16.44
CA ARG A 88 9.60 8.49 -16.15
C ARG A 88 9.52 9.12 -14.77
N GLY A 89 10.27 8.61 -13.79
CA GLY A 89 10.33 9.25 -12.50
C GLY A 89 10.81 10.69 -12.58
N ALA A 90 11.86 10.93 -13.37
CA ALA A 90 12.36 12.30 -13.49
C ALA A 90 11.40 13.19 -14.26
N LEU A 91 10.66 12.63 -15.22
CA LEU A 91 9.64 13.43 -15.91
C LEU A 91 8.55 13.88 -14.94
N ILE A 92 8.07 12.95 -14.10
CA ILE A 92 7.10 13.30 -13.07
C ILE A 92 7.66 14.39 -12.15
N PHE A 93 8.92 14.26 -11.75
CA PHE A 93 9.52 15.25 -10.86
C PHE A 93 9.57 16.63 -11.51
N ASP A 94 9.88 16.70 -12.81
CA ASP A 94 9.87 17.98 -13.50
C ASP A 94 8.47 18.59 -13.51
N LYS A 95 7.45 17.80 -13.82
CA LYS A 95 6.08 18.34 -13.81
C LYS A 95 5.72 18.83 -12.41
N LEU A 96 6.13 18.09 -11.39
CA LEU A 96 5.86 18.52 -10.02
C LEU A 96 6.62 19.81 -9.70
N LYS A 97 7.89 19.88 -10.09
CA LYS A 97 8.67 21.11 -9.92
C LYS A 97 7.98 22.30 -10.59
N GLU A 98 7.47 22.10 -11.81
CA GLU A 98 6.83 23.18 -12.54
C GLU A 98 5.55 23.62 -11.84
N ALA A 99 4.83 22.66 -11.26
CA ALA A 99 3.62 23.01 -10.52
C ALA A 99 3.95 23.87 -9.32
N SER A 100 4.98 23.49 -8.56
CA SER A 100 5.34 24.24 -7.36
C SER A 100 5.72 25.67 -7.69
N GLU A 101 6.21 25.92 -8.90
CA GLU A 101 6.57 27.27 -9.32
C GLU A 101 5.37 28.09 -9.77
N LYS A 102 4.26 27.45 -10.13
CA LYS A 102 3.03 28.17 -10.46
C LYS A 102 2.19 28.52 -9.24
N GLY A 103 2.63 28.12 -8.04
CA GLY A 103 1.92 28.44 -6.82
C GLY A 103 1.20 27.27 -6.17
N ILE A 104 1.29 26.07 -6.73
CA ILE A 104 0.69 24.90 -6.09
C ILE A 104 1.47 24.60 -4.82
N LYS A 105 0.76 24.40 -3.72
CA LYS A 105 1.39 23.94 -2.48
C LYS A 105 1.71 22.45 -2.61
N ILE A 106 3.00 22.12 -2.72
CA ILE A 106 3.43 20.72 -2.83
C ILE A 106 4.10 20.33 -1.51
N ILE A 107 3.57 19.31 -0.86
CA ILE A 107 4.16 18.74 0.34
C ILE A 107 4.41 17.26 0.09
N VAL A 108 5.64 16.83 0.39
CA VAL A 108 6.06 15.44 0.20
C VAL A 108 6.48 14.90 1.56
N LEU A 109 5.72 13.93 2.07
CA LEU A 109 6.05 13.25 3.33
C LEU A 109 6.86 12.00 3.06
N LEU A 110 8.00 11.85 3.74
CA LEU A 110 8.80 10.64 3.65
C LEU A 110 9.30 10.28 5.04
N ASP A 111 9.65 9.02 5.22
CA ASP A 111 10.11 8.57 6.53
C ASP A 111 11.52 9.07 6.78
N GLU A 112 11.83 9.30 8.07
CA GLU A 112 13.14 9.82 8.42
C GLU A 112 14.27 8.90 7.96
N ARG A 113 13.96 7.65 7.62
CA ARG A 113 14.96 6.72 7.11
C ARG A 113 15.05 6.73 5.59
N GLY A 114 14.21 7.50 4.91
CA GLY A 114 14.33 7.64 3.48
C GLY A 114 14.93 8.99 3.09
N LYS A 115 15.64 9.60 4.04
CA LYS A 115 16.05 10.99 3.94
C LYS A 115 17.43 11.19 3.32
N ARG A 116 18.05 10.13 2.79
CA ARG A 116 19.37 10.32 2.19
C ARG A 116 19.30 11.22 0.96
N ASN A 117 18.34 10.95 0.07
CA ASN A 117 18.13 11.71 -1.15
C ASN A 117 17.74 13.16 -0.91
N LEU A 118 17.57 13.60 0.35
CA LEU A 118 16.85 14.84 0.60
C LEU A 118 17.55 16.05 -0.01
N GLY A 119 18.87 16.14 0.14
CA GLY A 119 19.58 17.28 -0.43
C GLY A 119 19.47 17.32 -1.94
N GLU A 120 19.61 16.15 -2.58
CA GLU A 120 19.36 16.05 -4.02
C GLU A 120 17.97 16.54 -4.38
N LEU A 121 16.97 16.15 -3.59
CA LEU A 121 15.59 16.55 -3.88
C LEU A 121 15.39 18.04 -3.70
N GLN A 122 15.88 18.59 -2.58
CA GLN A 122 15.68 20.00 -2.29
C GLN A 122 16.42 20.92 -3.25
N SER A 123 17.59 20.49 -3.77
CA SER A 123 18.27 21.31 -4.78
C SER A 123 17.51 21.28 -6.10
N HIS A 124 16.90 20.13 -6.44
CA HIS A 124 16.12 20.06 -7.67
C HIS A 124 14.87 20.91 -7.58
N CYS A 125 14.17 20.87 -6.44
CA CYS A 125 12.88 21.54 -6.27
C CYS A 125 12.91 22.36 -4.99
N PRO A 126 13.49 23.56 -5.04
CA PRO A 126 13.52 24.41 -3.83
C PRO A 126 12.15 24.91 -3.39
N ASP A 127 11.10 24.78 -4.21
CA ASP A 127 9.78 25.27 -3.85
C ASP A 127 8.84 24.16 -3.38
N ILE A 128 9.33 22.93 -3.27
CA ILE A 128 8.55 21.82 -2.74
C ILE A 128 8.92 21.64 -1.29
N ASN A 129 7.93 21.38 -0.45
CA ASN A 129 8.14 21.16 0.98
C ASN A 129 8.34 19.68 1.21
N PHE A 130 9.58 19.26 1.43
CA PHE A 130 9.91 17.89 1.81
C PHE A 130 9.97 17.80 3.33
N ILE A 131 9.19 16.90 3.91
CA ILE A 131 9.07 16.75 5.36
C ILE A 131 9.37 15.30 5.73
N THR A 132 10.34 15.10 6.61
CA THR A 132 10.62 13.77 7.14
C THR A 132 9.78 13.52 8.38
N VAL A 133 9.43 12.26 8.57
CA VAL A 133 8.44 11.83 9.55
C VAL A 133 9.00 10.66 10.35
N ASN A 134 8.81 10.69 11.67
CA ASN A 134 9.06 9.53 12.52
C ASN A 134 7.80 9.27 13.33
N ILE A 135 6.99 8.29 12.89
CA ILE A 135 5.73 8.01 13.57
C ILE A 135 5.92 7.20 14.85
N ASP A 136 7.15 6.78 15.16
CA ASP A 136 7.39 5.89 16.29
C ASP A 136 8.65 6.34 17.01
N LYS A 137 8.60 7.52 17.63
CA LYS A 137 9.73 7.97 18.43
C LYS A 137 9.90 7.15 19.69
N LYS A 138 8.82 6.51 20.17
CA LYS A 138 8.91 5.66 21.36
C LYS A 138 9.86 4.49 21.15
N ASN A 139 9.69 3.75 20.05
CA ASN A 139 10.44 2.52 19.82
C ASN A 139 11.27 2.49 18.55
N ASN A 140 11.12 3.47 17.67
CA ASN A 140 11.91 3.55 16.44
C ASN A 140 11.80 2.28 15.60
N VAL A 141 10.60 1.71 15.54
CA VAL A 141 10.32 0.58 14.67
C VAL A 141 9.36 0.95 13.55
N GLY A 142 8.29 1.68 13.89
CA GLY A 142 7.27 1.98 12.91
C GLY A 142 7.77 2.92 11.84
N LEU A 143 7.45 2.60 10.60
CA LEU A 143 7.86 3.38 9.44
C LEU A 143 6.64 3.95 8.73
N LEU A 144 6.84 5.11 8.11
CA LEU A 144 5.81 5.67 7.24
C LEU A 144 5.92 5.01 5.88
N LEU A 145 4.85 4.35 5.45
CA LEU A 145 4.72 3.94 4.06
C LEU A 145 3.69 4.77 3.31
N GLY A 146 2.65 5.23 4.01
CA GLY A 146 1.43 5.82 3.47
C GLY A 146 1.09 5.36 2.09
N CYS A 147 1.92 5.83 1.16
CA CYS A 147 1.88 5.55 -0.27
C CYS A 147 0.57 5.99 -0.90
N PHE A 148 0.46 7.29 -1.14
CA PHE A 148 -0.69 7.88 -1.80
C PHE A 148 -0.34 9.29 -2.24
N TRP A 149 -1.07 9.77 -3.24
CA TRP A 149 -1.11 11.17 -3.61
C TRP A 149 -2.54 11.65 -3.40
N VAL A 150 -2.71 12.87 -2.89
CA VAL A 150 -4.02 13.48 -2.87
C VAL A 150 -3.86 14.93 -3.29
N SER A 151 -4.87 15.48 -3.96
CA SER A 151 -4.75 16.83 -4.52
C SER A 151 -6.09 17.55 -4.55
N ASP A 152 -6.10 18.78 -4.05
CA ASP A 152 -7.22 19.69 -4.17
C ASP A 152 -8.49 19.16 -3.50
N ASP A 153 -8.36 18.17 -2.61
CA ASP A 153 -9.52 17.51 -2.01
C ASP A 153 -10.47 16.99 -3.09
N GLU A 154 -9.91 16.54 -4.22
CA GLU A 154 -10.71 16.04 -5.33
C GLU A 154 -10.14 14.82 -6.01
N ARG A 155 -8.83 14.63 -6.03
CA ARG A 155 -8.18 13.55 -6.75
C ARG A 155 -7.18 12.86 -5.85
N CYS A 156 -6.98 11.56 -6.07
CA CYS A 156 -6.02 10.84 -5.24
C CYS A 156 -5.59 9.55 -5.93
N TYR A 157 -4.38 9.13 -5.60
CA TYR A 157 -3.88 7.78 -5.87
C TYR A 157 -3.56 7.13 -4.54
N VAL A 158 -3.88 5.85 -4.42
CA VAL A 158 -3.47 5.05 -3.27
C VAL A 158 -3.10 3.67 -3.80
N GLY A 159 -2.04 3.09 -3.25
CA GLY A 159 -1.56 1.81 -3.71
C GLY A 159 -0.18 1.49 -3.17
N ASN A 160 0.71 0.94 -4.00
CA ASN A 160 2.04 0.58 -3.52
C ASN A 160 3.15 1.11 -4.43
N ALA A 161 2.87 2.15 -5.21
CA ALA A 161 3.90 2.82 -6.00
C ALA A 161 4.41 3.99 -5.19
N SER A 162 5.64 3.87 -4.68
CA SER A 162 6.22 4.99 -3.94
C SER A 162 6.59 6.10 -4.91
N PHE A 163 6.98 7.25 -4.36
CA PHE A 163 7.43 8.35 -5.20
C PHE A 163 8.90 8.13 -5.58
N THR A 164 9.13 7.06 -6.33
CA THR A 164 10.46 6.71 -6.79
C THR A 164 10.42 6.40 -8.26
N GLY A 165 11.57 6.57 -8.92
CA GLY A 165 11.65 6.20 -10.33
C GLY A 165 11.33 4.74 -10.57
N GLY A 166 11.79 3.87 -9.68
CA GLY A 166 11.47 2.45 -9.79
C GLY A 166 9.98 2.17 -9.80
N SER A 167 9.26 2.71 -8.81
CA SER A 167 7.82 2.44 -8.73
C SER A 167 7.06 3.04 -9.89
N ILE A 168 7.60 4.08 -10.52
CA ILE A 168 6.93 4.75 -11.63
C ILE A 168 7.23 4.11 -12.98
N HIS A 169 8.29 3.30 -13.07
CA HIS A 169 8.84 2.91 -14.37
C HIS A 169 9.23 1.43 -14.44
N THR A 170 10.03 0.92 -13.48
CA THR A 170 10.70 -0.37 -13.64
C THR A 170 10.21 -1.47 -12.70
N ILE A 171 9.37 -1.14 -11.72
CA ILE A 171 8.90 -2.10 -10.71
C ILE A 171 7.39 -2.28 -10.88
N LYS A 172 6.93 -3.53 -10.87
CA LYS A 172 5.50 -3.79 -10.93
C LYS A 172 4.83 -3.22 -9.69
N THR A 173 3.81 -2.38 -9.89
CA THR A 173 3.02 -1.84 -8.78
C THR A 173 1.55 -1.91 -9.13
N LEU A 174 0.70 -1.77 -8.11
CA LEU A 174 -0.75 -1.77 -8.26
C LEU A 174 -1.35 -0.73 -7.34
N GLY A 175 -2.26 0.08 -7.88
CA GLY A 175 -2.92 1.10 -7.08
C GLY A 175 -4.28 1.47 -7.61
N VAL A 176 -4.89 2.50 -7.01
CA VAL A 176 -6.24 2.93 -7.36
C VAL A 176 -6.24 4.45 -7.51
N TYR A 177 -6.91 4.95 -8.54
CA TYR A 177 -7.10 6.38 -8.74
C TYR A 177 -8.58 6.73 -8.68
N SER A 178 -8.89 7.82 -7.98
CA SER A 178 -10.26 8.31 -7.91
C SER A 178 -10.27 9.83 -7.99
N ASP A 179 -11.25 10.37 -8.70
CA ASP A 179 -11.49 11.81 -8.73
C ASP A 179 -12.80 12.18 -8.04
N TYR A 180 -13.19 11.37 -7.03
CA TYR A 180 -14.40 11.62 -6.28
C TYR A 180 -14.06 12.39 -5.02
N PRO A 181 -14.46 13.66 -4.91
CA PRO A 181 -13.95 14.51 -3.84
C PRO A 181 -14.21 13.96 -2.45
N PRO A 182 -15.41 13.40 -2.16
CA PRO A 182 -15.59 12.84 -0.81
C PRO A 182 -14.55 11.80 -0.44
N LEU A 183 -14.13 10.97 -1.39
CA LEU A 183 -13.13 9.95 -1.10
C LEU A 183 -11.73 10.56 -1.02
N ALA A 184 -11.40 11.46 -1.96
CA ALA A 184 -10.10 12.11 -1.92
C ALA A 184 -9.93 12.87 -0.60
N THR A 185 -10.93 13.66 -0.23
CA THR A 185 -10.88 14.41 1.02
C THR A 185 -10.65 13.48 2.22
N ASP A 186 -11.29 12.31 2.23
CA ASP A 186 -11.06 11.35 3.30
C ASP A 186 -9.60 10.88 3.30
N LEU A 187 -8.98 10.76 2.13
CA LEU A 187 -7.57 10.36 2.10
C LEU A 187 -6.66 11.47 2.60
N ARG A 188 -7.01 12.73 2.31
CA ARG A 188 -6.20 13.83 2.79
C ARG A 188 -6.18 13.88 4.31
N ARG A 189 -7.25 13.39 4.95
CA ARG A 189 -7.27 13.37 6.42
C ARG A 189 -6.20 12.44 6.97
N ARG A 190 -5.84 11.37 6.23
CA ARG A 190 -4.71 10.55 6.65
C ARG A 190 -3.40 11.34 6.52
N PHE A 191 -3.30 12.17 5.48
CA PHE A 191 -2.10 12.99 5.31
C PHE A 191 -1.96 13.99 6.45
N ASP A 192 -3.07 14.53 6.92
CA ASP A 192 -3.05 15.40 8.10
C ASP A 192 -2.49 14.69 9.32
N THR A 193 -2.87 13.42 9.51
CA THR A 193 -2.38 12.69 10.68
C THR A 193 -0.87 12.47 10.58
N PHE A 194 -0.39 12.04 9.41
CA PHE A 194 1.01 11.71 9.26
C PHE A 194 1.90 12.95 9.31
N LYS A 195 1.45 14.07 8.72
CA LYS A 195 2.24 15.29 8.72
C LYS A 195 2.50 15.78 10.13
N ALA A 196 1.66 15.41 11.10
CA ALA A 196 1.86 15.82 12.48
C ALA A 196 3.12 15.22 13.07
N PHE A 197 3.68 14.19 12.45
CA PHE A 197 4.84 13.50 13.02
C PHE A 197 6.15 13.98 12.42
N ASN A 198 6.20 15.23 11.99
CA ASN A 198 7.43 15.80 11.48
C ASN A 198 8.53 15.74 12.54
N SER A 199 9.75 15.45 12.10
CA SER A 199 10.90 15.24 12.98
C SER A 199 11.35 16.51 13.69
N ALA A 200 10.71 17.66 13.47
CA ALA A 200 11.20 18.92 14.01
C ALA A 200 10.14 19.62 14.87
N LYS A 201 10.61 20.25 15.96
CA LYS A 201 9.87 21.28 16.69
C LYS A 201 8.72 20.76 17.54
N ASN A 202 9.03 19.91 18.53
CA ASN A 202 8.10 19.27 19.48
C ASN A 202 6.63 19.67 19.36
N SER A 203 5.91 19.00 18.44
CA SER A 203 4.46 19.18 18.32
C SER A 203 3.73 17.86 18.52
N ALA A 204 3.74 16.94 17.54
CA ALA A 204 3.07 15.65 17.71
C ALA A 204 3.99 14.44 17.57
N ALA A 205 5.21 14.61 17.05
CA ALA A 205 6.21 13.54 17.05
C ALA A 205 7.20 13.65 18.20
N ASN A 206 7.32 14.83 18.81
CA ASN A 206 8.23 15.05 19.94
C ASN A 206 7.51 15.64 21.15
N LEU A 207 6.18 15.52 21.20
CA LEU A 207 5.39 16.05 22.32
C LEU A 207 4.07 15.31 22.36
N ALA A 208 3.77 14.66 23.48
CA ALA A 208 2.52 13.93 23.66
C ALA A 208 1.33 14.84 23.94
N SER A 209 1.56 16.14 24.09
CA SER A 209 0.47 17.08 24.37
C SER A 209 -0.26 17.46 23.10
N ALA A 210 0.44 18.02 22.12
CA ALA A 210 -0.15 18.38 20.83
C ALA A 210 -0.27 17.21 19.88
N ALA A 211 0.09 16.00 20.32
CA ALA A 211 -0.21 14.80 19.55
C ALA A 211 -1.62 14.29 19.82
N ALA A 212 -2.15 14.56 21.01
CA ALA A 212 -3.57 14.36 21.28
C ALA A 212 -4.41 15.56 20.87
N ALA A 213 -3.79 16.65 20.43
CA ALA A 213 -4.46 17.83 19.91
C ALA A 213 -4.63 17.79 18.40
N LEU A 214 -4.58 16.59 17.80
CA LEU A 214 -4.92 16.39 16.40
C LEU A 214 -6.09 15.45 16.31
N PRO A 215 -7.26 15.90 15.87
CA PRO A 215 -8.39 14.99 15.66
C PRO A 215 -8.09 14.02 14.53
N VAL A 216 -8.02 12.73 14.86
CA VAL A 216 -7.71 11.68 13.89
C VAL A 216 -9.04 11.20 13.34
N SER A 217 -9.53 11.87 12.29
CA SER A 217 -10.89 11.67 11.84
C SER A 217 -10.92 10.93 10.51
N THR A 218 -12.06 10.31 10.25
CA THR A 218 -12.39 9.71 8.97
C THR A 218 -13.87 9.92 8.73
N ALA A 219 -14.24 10.10 7.47
CA ALA A 219 -15.66 10.16 7.14
C ALA A 219 -16.23 8.78 6.86
N TYR A 220 -15.45 7.90 6.27
CA TYR A 220 -15.92 6.58 5.85
C TYR A 220 -15.09 5.50 6.52
N HIS A 221 -15.70 4.32 6.64
CA HIS A 221 -15.08 3.15 7.23
C HIS A 221 -15.93 1.96 6.85
N ILE A 222 -15.59 0.79 7.40
CA ILE A 222 -16.27 -0.43 6.97
C ILE A 222 -17.75 -0.38 7.32
N LYS A 223 -18.11 0.30 8.41
CA LYS A 223 -19.53 0.43 8.76
C LYS A 223 -20.22 1.54 8.00
N ASN A 224 -19.49 2.39 7.28
CA ASN A 224 -20.08 3.49 6.51
C ASN A 224 -19.21 3.77 5.28
N PRO A 225 -19.26 2.90 4.28
CA PRO A 225 -18.47 3.12 3.07
C PRO A 225 -19.14 4.14 2.15
N ILE A 226 -18.32 4.73 1.28
CA ILE A 226 -18.77 5.66 0.26
C ILE A 226 -18.74 4.93 -1.08
N GLY A 227 -19.92 4.72 -1.66
CA GLY A 227 -20.03 3.98 -2.90
C GLY A 227 -19.36 2.62 -2.91
N GLY A 228 -19.27 1.97 -1.75
CA GLY A 228 -18.64 0.68 -1.65
C GLY A 228 -17.16 0.71 -1.34
N VAL A 229 -16.60 1.88 -1.03
CA VAL A 229 -15.16 2.05 -0.84
C VAL A 229 -14.91 2.63 0.55
N PHE A 230 -13.83 2.22 1.18
CA PHE A 230 -13.39 2.81 2.44
C PHE A 230 -11.91 2.55 2.65
N PHE A 231 -11.27 3.42 3.42
CA PHE A 231 -9.89 3.28 3.82
C PHE A 231 -9.81 2.65 5.21
N THR A 232 -8.81 1.79 5.40
CA THR A 232 -8.43 1.30 6.71
C THR A 232 -7.01 1.78 7.01
N ASP A 233 -6.63 1.68 8.29
CA ASP A 233 -5.50 2.47 8.76
C ASP A 233 -4.61 1.67 9.69
N SER A 234 -3.40 2.18 9.87
CA SER A 234 -2.39 1.57 10.72
C SER A 234 -1.37 2.65 11.08
N PRO A 235 -0.76 2.59 12.27
CA PRO A 235 -0.90 1.57 13.32
C PRO A 235 -1.93 1.91 14.36
N GLU A 236 -2.12 1.04 15.36
CA GLU A 236 -3.20 1.21 16.32
C GLU A 236 -3.04 2.47 17.15
N HIS A 237 -1.80 2.89 17.44
CA HIS A 237 -1.62 4.04 18.32
C HIS A 237 -1.83 5.37 17.60
N LEU A 238 -1.91 5.36 16.27
CA LEU A 238 -2.35 6.53 15.51
C LEU A 238 -3.83 6.45 15.13
N LEU A 239 -4.56 5.47 15.65
CA LEU A 239 -5.85 5.12 15.10
C LEU A 239 -6.95 6.10 15.50
N GLY A 240 -6.86 6.66 16.70
CA GLY A 240 -7.95 7.46 17.17
C GLY A 240 -9.14 6.56 17.50
N TYR A 241 -10.26 7.21 17.77
CA TYR A 241 -11.47 6.54 18.21
C TYR A 241 -12.43 6.19 17.06
N SER A 242 -12.13 6.54 15.81
CA SER A 242 -13.10 6.35 14.75
C SER A 242 -12.60 5.59 13.53
N ARG A 243 -11.29 5.43 13.34
CA ARG A 243 -10.76 4.72 12.19
C ARG A 243 -10.69 3.21 12.45
N ASP A 244 -10.68 2.44 11.35
CA ASP A 244 -10.58 0.99 11.40
C ASP A 244 -9.11 0.57 11.37
N LEU A 245 -8.73 -0.32 12.28
CA LEU A 245 -7.41 -0.93 12.20
C LEU A 245 -7.37 -1.94 11.06
N ASP A 246 -6.43 -1.76 10.13
CA ASP A 246 -6.34 -2.64 8.97
C ASP A 246 -6.17 -4.10 9.38
N THR A 247 -5.39 -4.35 10.43
CA THR A 247 -5.25 -5.71 10.95
C THR A 247 -6.61 -6.37 11.17
N ASP A 248 -7.54 -5.67 11.83
CA ASP A 248 -8.83 -6.26 12.16
C ASP A 248 -9.68 -6.49 10.91
N VAL A 249 -9.70 -5.53 9.99
CA VAL A 249 -10.50 -5.68 8.77
C VAL A 249 -9.97 -6.85 7.95
N VAL A 250 -8.65 -6.91 7.76
CA VAL A 250 -8.06 -7.96 6.93
C VAL A 250 -8.32 -9.34 7.52
N ILE A 251 -8.08 -9.50 8.82
CA ILE A 251 -8.25 -10.82 9.44
C ILE A 251 -9.71 -11.23 9.41
N ASP A 252 -10.63 -10.28 9.62
CA ASP A 252 -12.05 -10.61 9.55
C ASP A 252 -12.44 -11.09 8.15
N LYS A 253 -11.94 -10.43 7.11
CA LYS A 253 -12.30 -10.82 5.76
C LYS A 253 -11.74 -12.20 5.43
N LEU A 254 -10.50 -12.48 5.81
CA LEU A 254 -9.95 -13.83 5.63
C LEU A 254 -10.80 -14.87 6.36
N LYS A 255 -11.23 -14.56 7.59
CA LYS A 255 -12.02 -15.52 8.36
C LYS A 255 -13.46 -15.65 7.86
N SER A 256 -13.93 -14.68 7.08
CA SER A 256 -15.26 -14.71 6.50
C SER A 256 -15.29 -15.40 5.15
N ALA A 257 -14.13 -15.65 4.55
CA ALA A 257 -14.06 -16.18 3.20
C ALA A 257 -14.80 -17.50 3.09
N LYS A 258 -15.78 -17.54 2.20
CA LYS A 258 -16.54 -18.77 1.97
C LYS A 258 -16.04 -19.58 0.79
N THR A 259 -15.38 -18.95 -0.17
CA THR A 259 -15.05 -19.68 -1.39
C THR A 259 -13.59 -19.55 -1.78
N SER A 260 -13.08 -18.31 -1.91
CA SER A 260 -11.79 -18.11 -2.53
C SER A 260 -11.02 -17.03 -1.80
N ILE A 261 -9.71 -17.22 -1.74
CA ILE A 261 -8.78 -16.20 -1.25
C ILE A 261 -7.65 -16.13 -2.25
N ASP A 262 -7.44 -14.94 -2.82
CA ASP A 262 -6.33 -14.67 -3.72
C ASP A 262 -5.45 -13.60 -3.10
N ILE A 263 -4.17 -13.89 -2.92
CA ILE A 263 -3.23 -12.95 -2.34
C ILE A 263 -2.02 -12.82 -3.25
N GLU A 264 -1.59 -11.58 -3.50
CA GLU A 264 -0.31 -11.29 -4.14
C GLU A 264 0.41 -10.30 -3.22
N HIS A 265 1.29 -10.82 -2.36
CA HIS A 265 2.09 -10.02 -1.46
C HIS A 265 3.55 -10.44 -1.60
N LEU A 266 4.43 -9.71 -0.92
CA LEU A 266 5.85 -10.03 -0.98
C LEU A 266 6.17 -11.30 -0.18
N ALA A 267 5.49 -11.51 0.95
CA ALA A 267 5.71 -12.70 1.76
C ALA A 267 4.56 -12.89 2.74
N ILE A 268 4.35 -14.14 3.14
CA ILE A 268 3.35 -14.54 4.13
C ILE A 268 4.00 -15.20 5.35
N VAL A 269 5.32 -15.28 5.39
CA VAL A 269 6.06 -15.81 6.53
C VAL A 269 5.53 -15.26 7.86
N PRO A 270 5.20 -16.12 8.83
CA PRO A 270 4.77 -15.64 10.14
C PRO A 270 5.89 -15.10 11.02
N THR A 271 7.08 -14.94 10.48
CA THR A 271 8.22 -14.41 11.22
C THR A 271 8.81 -13.26 10.42
N THR A 272 9.24 -12.21 11.12
CA THR A 272 10.03 -11.14 10.52
C THR A 272 11.16 -10.81 11.47
N ARG A 273 12.20 -10.18 10.93
CA ARG A 273 13.37 -9.83 11.70
C ARG A 273 13.44 -8.32 11.85
N VAL A 274 13.53 -7.85 13.11
CA VAL A 274 13.67 -6.44 13.43
C VAL A 274 14.76 -6.31 14.48
N ASP A 275 15.72 -5.41 14.24
CA ASP A 275 16.82 -5.15 15.18
C ASP A 275 17.72 -6.38 15.35
N GLY A 276 17.83 -7.22 14.32
CA GLY A 276 18.58 -8.45 14.47
C GLY A 276 17.98 -9.41 15.48
N ASN A 277 16.67 -9.32 15.72
CA ASN A 277 15.96 -10.25 16.58
C ASN A 277 14.67 -10.64 15.89
N SER A 278 14.41 -11.95 15.79
CA SER A 278 13.26 -12.42 15.05
C SER A 278 11.98 -12.25 15.86
N TYR A 279 10.88 -12.00 15.16
CA TYR A 279 9.59 -11.72 15.76
C TYR A 279 8.53 -12.60 15.11
N TYR A 280 7.86 -13.41 15.93
CA TYR A 280 6.85 -14.35 15.48
C TYR A 280 5.46 -13.72 15.60
N TRP A 281 4.71 -13.73 14.49
CA TRP A 281 3.36 -13.15 14.46
C TRP A 281 2.58 -13.89 13.38
N PRO A 282 1.82 -14.92 13.77
CA PRO A 282 1.18 -15.80 12.76
C PRO A 282 -0.27 -15.47 12.43
N ASP A 283 -0.78 -14.30 12.83
CA ASP A 283 -2.21 -14.06 12.82
C ASP A 283 -2.80 -14.20 11.42
N ILE A 284 -2.17 -13.58 10.42
CA ILE A 284 -2.65 -13.67 9.06
C ILE A 284 -2.37 -15.05 8.49
N TYR A 285 -1.11 -15.50 8.65
CA TYR A 285 -0.71 -16.84 8.25
C TYR A 285 -1.71 -17.90 8.73
N ASN A 286 -2.10 -17.83 10.02
CA ASN A 286 -3.10 -18.77 10.54
C ASN A 286 -4.46 -18.60 9.88
N SER A 287 -4.89 -17.35 9.67
CA SER A 287 -6.21 -17.12 9.07
C SER A 287 -6.29 -17.75 7.68
N ILE A 288 -5.19 -17.75 6.94
CA ILE A 288 -5.18 -18.36 5.61
C ILE A 288 -5.28 -19.88 5.74
N ILE A 289 -4.43 -20.48 6.58
CA ILE A 289 -4.45 -21.92 6.75
C ILE A 289 -5.80 -22.38 7.30
N GLU A 290 -6.38 -21.59 8.20
CA GLU A 290 -7.68 -21.94 8.76
C GLU A 290 -8.75 -21.98 7.68
N ALA A 291 -8.75 -20.99 6.79
CA ALA A 291 -9.69 -20.99 5.68
C ALA A 291 -9.51 -22.22 4.80
N ALA A 292 -8.26 -22.63 4.57
CA ALA A 292 -8.00 -23.75 3.69
C ALA A 292 -8.39 -25.07 4.32
N ILE A 293 -7.93 -25.34 5.55
CA ILE A 293 -8.13 -26.66 6.15
C ILE A 293 -9.53 -26.79 6.73
N ASN A 294 -9.97 -25.80 7.51
CA ASN A 294 -11.22 -25.95 8.22
C ASN A 294 -12.44 -25.65 7.35
N ARG A 295 -12.31 -24.71 6.40
CA ARG A 295 -13.44 -24.24 5.63
C ARG A 295 -13.40 -24.63 4.14
N GLY A 296 -12.31 -25.22 3.65
CA GLY A 296 -12.27 -25.65 2.27
C GLY A 296 -12.04 -24.55 1.23
N VAL A 297 -11.63 -23.35 1.66
CA VAL A 297 -11.47 -22.23 0.75
C VAL A 297 -10.34 -22.51 -0.24
N LYS A 298 -10.58 -22.22 -1.52
CA LYS A 298 -9.53 -22.30 -2.53
C LYS A 298 -8.65 -21.07 -2.38
N ILE A 299 -7.37 -21.29 -2.14
CA ILE A 299 -6.43 -20.22 -1.86
C ILE A 299 -5.30 -20.28 -2.89
N ARG A 300 -4.93 -19.12 -3.40
CA ARG A 300 -3.78 -18.97 -4.29
C ARG A 300 -2.92 -17.86 -3.75
N LEU A 301 -1.68 -18.20 -3.39
CA LEU A 301 -0.72 -17.25 -2.85
C LEU A 301 0.38 -17.03 -3.89
N LEU A 302 0.56 -15.78 -4.30
CA LEU A 302 1.63 -15.41 -5.23
C LEU A 302 2.56 -14.48 -4.45
N VAL A 303 3.75 -14.97 -4.13
CA VAL A 303 4.63 -14.33 -3.16
C VAL A 303 6.04 -14.27 -3.73
N GLY A 304 6.90 -13.52 -3.04
CA GLY A 304 8.25 -13.34 -3.51
C GLY A 304 9.16 -14.50 -3.15
N ASN A 305 10.25 -14.61 -3.90
CA ASN A 305 11.24 -15.62 -3.59
C ASN A 305 11.86 -15.33 -2.23
N TRP A 306 12.48 -16.36 -1.64
CA TRP A 306 13.10 -16.24 -0.33
C TRP A 306 14.55 -16.70 -0.40
N ASP A 307 15.33 -16.29 0.61
CA ASP A 307 16.71 -16.74 0.74
C ASP A 307 16.74 -18.17 1.23
N LYS A 308 17.39 -19.06 0.46
CA LYS A 308 17.44 -20.46 0.84
C LYS A 308 18.20 -20.66 2.15
N ASN A 309 19.01 -19.70 2.55
CA ASN A 309 19.73 -19.76 3.82
C ASN A 309 18.96 -19.15 4.99
N ASP A 310 17.77 -18.61 4.74
CA ASP A 310 16.92 -18.11 5.81
C ASP A 310 16.02 -19.24 6.28
N VAL A 311 16.39 -19.88 7.40
CA VAL A 311 15.70 -21.09 7.83
C VAL A 311 14.22 -20.82 8.07
N TYR A 312 13.85 -19.60 8.47
CA TYR A 312 12.44 -19.35 8.76
C TYR A 312 11.61 -19.27 7.48
N SER A 313 12.19 -18.83 6.37
CA SER A 313 11.46 -18.80 5.10
C SER A 313 11.47 -20.17 4.42
N MET A 314 12.59 -20.89 4.48
CA MET A 314 12.59 -22.26 4.01
C MET A 314 11.53 -23.09 4.72
N ALA A 315 11.51 -23.02 6.05
CA ALA A 315 10.51 -23.78 6.82
C ALA A 315 9.10 -23.39 6.40
N THR A 316 8.84 -22.09 6.29
CA THR A 316 7.52 -21.62 5.88
C THR A 316 7.17 -22.15 4.50
N ALA A 317 8.12 -22.14 3.57
CA ALA A 317 7.85 -22.68 2.24
C ALA A 317 7.53 -24.16 2.32
N ARG A 318 8.31 -24.92 3.11
CA ARG A 318 8.05 -26.35 3.25
C ARG A 318 6.66 -26.62 3.81
N SER A 319 6.18 -25.79 4.75
CA SER A 319 4.85 -25.99 5.29
C SER A 319 3.77 -25.66 4.27
N LEU A 320 3.93 -24.54 3.57
CA LEU A 320 3.02 -24.22 2.48
C LEU A 320 2.96 -25.35 1.47
N ASP A 321 4.12 -25.95 1.16
CA ASP A 321 4.15 -27.04 0.19
C ASP A 321 3.33 -28.23 0.69
N ALA A 322 3.48 -28.58 1.97
CA ALA A 322 2.73 -29.70 2.53
C ALA A 322 1.22 -29.45 2.47
N LEU A 323 0.81 -28.21 2.70
CA LEU A 323 -0.60 -27.85 2.59
C LEU A 323 -1.10 -27.94 1.15
N CYS A 324 -0.23 -27.71 0.16
CA CYS A 324 -0.66 -27.84 -1.23
C CYS A 324 -1.03 -29.28 -1.58
N VAL A 325 -0.40 -30.25 -0.92
CA VAL A 325 -0.68 -31.65 -1.20
C VAL A 325 -2.15 -31.96 -0.91
N GLN A 326 -2.57 -31.71 0.33
CA GLN A 326 -3.84 -32.25 0.81
C GLN A 326 -4.99 -31.24 0.76
N ASN A 327 -4.74 -30.01 0.34
CA ASN A 327 -5.77 -28.98 0.31
C ASN A 327 -5.81 -28.36 -1.08
N ASP A 328 -6.79 -27.48 -1.27
CA ASP A 328 -6.84 -26.64 -2.47
C ASP A 328 -6.08 -25.33 -2.24
N LEU A 329 -4.86 -25.47 -1.72
CA LEU A 329 -3.91 -24.38 -1.61
C LEU A 329 -2.89 -24.50 -2.74
N SER A 330 -2.64 -23.39 -3.43
CA SER A 330 -1.63 -23.33 -4.49
C SER A 330 -0.73 -22.13 -4.22
N VAL A 331 0.56 -22.28 -4.51
CA VAL A 331 1.55 -21.24 -4.24
C VAL A 331 2.45 -21.09 -5.46
N LYS A 332 2.63 -19.85 -5.91
CA LYS A 332 3.59 -19.53 -6.96
C LYS A 332 4.51 -18.40 -6.47
N VAL A 333 5.73 -18.35 -7.00
CA VAL A 333 6.72 -17.38 -6.56
C VAL A 333 7.17 -16.50 -7.72
N PHE A 334 7.47 -15.24 -7.41
CA PHE A 334 8.05 -14.33 -8.39
C PHE A 334 9.41 -13.83 -7.89
N THR A 335 10.29 -13.52 -8.85
CA THR A 335 11.56 -12.91 -8.52
C THR A 335 11.68 -11.48 -9.04
N ILE A 336 10.77 -11.04 -9.91
CA ILE A 336 10.78 -9.66 -10.35
C ILE A 336 10.64 -8.71 -9.16
N GLN A 337 11.14 -7.49 -9.35
CA GLN A 337 10.78 -6.40 -8.46
C GLN A 337 9.29 -6.13 -8.58
N ASN A 338 8.56 -6.30 -7.49
CA ASN A 338 7.11 -6.25 -7.55
C ASN A 338 6.57 -5.78 -6.20
N ASN A 339 5.95 -4.61 -6.20
CA ASN A 339 5.40 -4.04 -4.97
C ASN A 339 3.94 -4.39 -4.76
N THR A 340 3.32 -5.16 -5.67
CA THR A 340 1.90 -5.44 -5.58
C THR A 340 1.54 -6.01 -4.22
N LYS A 341 0.58 -5.37 -3.55
CA LYS A 341 -0.03 -5.92 -2.34
C LYS A 341 -1.53 -5.98 -2.59
N LEU A 342 -2.03 -7.18 -2.85
CA LEU A 342 -3.41 -7.36 -3.30
C LEU A 342 -4.04 -8.54 -2.57
N LEU A 343 -5.26 -8.36 -2.09
CA LEU A 343 -6.03 -9.45 -1.52
C LEU A 343 -7.43 -9.38 -2.10
N ILE A 344 -7.96 -10.53 -2.50
CA ILE A 344 -9.32 -10.64 -3.02
C ILE A 344 -9.99 -11.83 -2.34
N VAL A 345 -11.17 -11.59 -1.78
CA VAL A 345 -11.91 -12.61 -1.04
C VAL A 345 -13.24 -12.82 -1.72
N ASP A 346 -13.54 -14.06 -2.10
CA ASP A 346 -14.86 -14.50 -2.56
C ASP A 346 -15.37 -13.71 -3.76
N ASP A 347 -14.50 -13.00 -4.48
CA ASP A 347 -14.93 -12.13 -5.59
C ASP A 347 -16.00 -11.13 -5.14
N GLU A 348 -15.90 -10.67 -3.89
CA GLU A 348 -16.80 -9.64 -3.35
C GLU A 348 -16.05 -8.57 -2.59
N TYR A 349 -14.76 -8.73 -2.35
CA TYR A 349 -14.01 -7.79 -1.56
C TYR A 349 -12.60 -7.73 -2.11
N VAL A 350 -12.10 -6.54 -2.38
CA VAL A 350 -10.70 -6.34 -2.79
C VAL A 350 -10.03 -5.40 -1.80
N HIS A 351 -8.77 -5.72 -1.48
CA HIS A 351 -7.95 -4.95 -0.57
C HIS A 351 -6.59 -4.73 -1.24
N ILE A 352 -6.24 -3.47 -1.47
CA ILE A 352 -4.96 -3.09 -2.06
C ILE A 352 -4.25 -2.13 -1.10
N THR A 353 -2.98 -2.42 -0.80
CA THR A 353 -2.26 -1.65 0.22
C THR A 353 -0.80 -1.48 -0.18
N SER A 354 -0.03 -0.80 0.69
CA SER A 354 1.43 -0.75 0.58
C SER A 354 2.11 -1.60 1.64
N ALA A 355 1.38 -2.06 2.65
CA ALA A 355 1.94 -2.91 3.67
C ALA A 355 1.96 -4.37 3.19
N ASN A 356 2.95 -5.10 3.69
CA ASN A 356 3.00 -6.53 3.46
C ASN A 356 2.36 -7.25 4.63
N PHE A 357 1.68 -8.35 4.34
CA PHE A 357 1.02 -9.16 5.37
C PHE A 357 2.05 -9.82 6.27
N ASP A 358 2.53 -9.06 7.25
CA ASP A 358 3.38 -9.64 8.30
C ASP A 358 3.28 -8.80 9.56
N GLY A 359 3.93 -9.29 10.62
CA GLY A 359 3.77 -8.71 11.94
C GLY A 359 4.51 -7.41 12.12
N THR A 360 5.67 -7.26 11.46
CA THR A 360 6.36 -5.98 11.56
C THR A 360 5.48 -4.87 11.00
N HIS A 361 4.81 -5.13 9.88
CA HIS A 361 3.96 -4.12 9.24
C HIS A 361 2.71 -3.86 10.06
N TYR A 362 1.90 -4.89 10.30
CA TYR A 362 0.57 -4.68 10.85
C TYR A 362 0.56 -4.32 12.33
N GLN A 363 1.70 -4.39 13.01
CA GLN A 363 1.80 -3.95 14.40
C GLN A 363 2.48 -2.61 14.57
N ASN A 364 3.05 -2.03 13.52
CA ASN A 364 3.95 -0.89 13.70
C ASN A 364 3.86 0.20 12.64
N HIS A 365 3.60 -0.14 11.39
CA HIS A 365 3.86 0.79 10.30
C HIS A 365 2.66 1.69 10.00
N GLY A 366 2.97 2.90 9.52
CA GLY A 366 1.96 3.88 9.13
C GLY A 366 1.61 3.80 7.65
N PHE A 367 0.40 3.33 7.36
CA PHE A 367 -0.02 3.18 5.98
C PHE A 367 -1.54 3.25 5.94
N VAL A 368 -2.08 3.44 4.74
CA VAL A 368 -3.52 3.42 4.55
C VAL A 368 -3.83 2.43 3.44
N SER A 369 -4.85 1.61 3.66
CA SER A 369 -5.21 0.53 2.76
C SER A 369 -6.53 0.85 2.08
N PHE A 370 -6.61 0.50 0.80
CA PHE A 370 -7.82 0.68 0.02
C PHE A 370 -8.67 -0.58 0.12
N ASN A 371 -9.93 -0.41 0.53
CA ASN A 371 -10.91 -1.49 0.61
C ASN A 371 -12.09 -1.14 -0.29
N SER A 372 -12.53 -2.11 -1.09
CA SER A 372 -13.77 -1.91 -1.83
C SER A 372 -14.54 -3.22 -1.91
N ILE A 373 -15.87 -3.12 -1.79
CA ILE A 373 -16.78 -4.22 -2.06
C ILE A 373 -17.63 -3.94 -3.29
N ASP A 374 -17.24 -2.98 -4.11
CA ASP A 374 -17.90 -2.76 -5.39
C ASP A 374 -17.64 -3.95 -6.29
N LYS A 375 -18.71 -4.55 -6.81
CA LYS A 375 -18.55 -5.78 -7.58
C LYS A 375 -17.75 -5.54 -8.85
N GLN A 376 -18.02 -4.44 -9.55
CA GLN A 376 -17.31 -4.16 -10.79
C GLN A 376 -15.80 -4.02 -10.53
N LEU A 377 -15.44 -3.17 -9.57
CA LEU A 377 -14.03 -2.96 -9.28
C LEU A 377 -13.34 -4.26 -8.84
N VAL A 378 -14.02 -5.07 -8.04
CA VAL A 378 -13.44 -6.35 -7.61
C VAL A 378 -13.19 -7.24 -8.81
N SER A 379 -14.07 -7.21 -9.81
CA SER A 379 -13.89 -8.05 -10.98
C SER A 379 -12.65 -7.64 -11.76
N GLU A 380 -12.38 -6.33 -11.84
CA GLU A 380 -11.17 -5.87 -12.49
C GLU A 380 -9.93 -6.34 -11.75
N ALA A 381 -9.96 -6.28 -10.42
CA ALA A 381 -8.83 -6.80 -9.64
C ALA A 381 -8.66 -8.29 -9.84
N LYS A 382 -9.75 -9.05 -9.80
CA LYS A 382 -9.67 -10.48 -10.05
C LYS A 382 -9.05 -10.76 -11.42
N LYS A 383 -9.42 -9.95 -12.43
CA LYS A 383 -8.83 -10.10 -13.76
C LYS A 383 -7.32 -9.86 -13.73
N ILE A 384 -6.86 -9.01 -12.81
CA ILE A 384 -5.43 -8.77 -12.69
C ILE A 384 -4.74 -9.93 -11.98
N PHE A 385 -5.38 -10.49 -10.94
CA PHE A 385 -4.77 -11.63 -10.27
C PHE A 385 -4.68 -12.84 -11.21
N GLU A 386 -5.73 -13.12 -11.97
CA GLU A 386 -5.67 -14.22 -12.92
C GLU A 386 -4.51 -14.03 -13.88
N ARG A 387 -4.30 -12.81 -14.37
CA ARG A 387 -3.18 -12.53 -15.25
C ARG A 387 -1.86 -12.86 -14.56
N ASP A 388 -1.63 -12.25 -13.39
CA ASP A 388 -0.36 -12.46 -12.70
C ASP A 388 -0.12 -13.93 -12.42
N TRP A 389 -1.18 -14.66 -12.06
CA TRP A 389 -1.06 -16.07 -11.68
C TRP A 389 -0.45 -16.92 -12.81
N VAL A 390 -0.82 -16.64 -14.05
CA VAL A 390 -0.32 -17.42 -15.17
C VAL A 390 0.79 -16.69 -15.92
N SER A 391 1.27 -15.58 -15.39
CA SER A 391 2.41 -14.91 -15.99
C SER A 391 3.65 -15.80 -15.94
N SER A 392 4.56 -15.59 -16.90
CA SER A 392 5.83 -16.30 -16.89
C SER A 392 6.73 -15.88 -15.75
N HIS A 393 6.42 -14.81 -15.05
CA HIS A 393 7.20 -14.41 -13.89
C HIS A 393 6.74 -15.09 -12.62
N SER A 394 5.70 -15.95 -12.72
CA SER A 394 5.11 -16.65 -11.59
C SER A 394 5.37 -18.14 -11.77
N LYS A 395 6.20 -18.71 -10.90
CA LYS A 395 6.61 -20.09 -10.99
C LYS A 395 6.06 -20.86 -9.79
N SER A 396 5.48 -22.03 -10.05
CA SER A 396 4.89 -22.81 -8.97
C SER A 396 5.93 -23.15 -7.92
N LEU A 397 5.50 -23.08 -6.65
CA LEU A 397 6.36 -23.37 -5.53
C LEU A 397 6.97 -24.76 -5.68
N LYS A 398 8.28 -24.82 -5.79
CA LYS A 398 9.03 -26.06 -5.82
C LYS A 398 9.92 -26.10 -4.59
N ILE A 399 9.93 -27.22 -3.90
CA ILE A 399 10.68 -27.32 -2.66
C ILE A 399 11.69 -28.44 -2.77
C1 A1ICJ B . 3.05 -24.60 10.29
C10 A1ICJ B . 8.40 -20.37 10.84
C11 A1ICJ B . 5.98 -21.62 11.44
C12 A1ICJ B . 5.14 -22.86 11.70
C13 A1ICJ B . 2.16 -25.70 9.97
C14 A1ICJ B . 0.81 -25.47 9.71
C15 A1ICJ B . -0.06 -26.50 9.35
C16 A1ICJ B . 0.37 -27.80 9.54
C17 A1ICJ B . -0.48 -28.99 9.20
C18 A1ICJ B . 1.67 -28.02 9.95
C19 A1ICJ B . 2.61 -27.00 10.07
C2 A1ICJ B . 6.13 -23.20 9.70
C3 A1ICJ B . 6.68 -21.84 10.11
C4 A1ICJ B . 8.19 -21.78 10.30
C5 A1ICJ B . 8.54 -22.75 11.38
C6 A1ICJ B . 7.87 -22.60 12.57
C7 A1ICJ B . 6.96 -21.41 12.57
C8 A1ICJ B . 7.67 -20.13 12.15
C9 A1ICJ B . 9.19 -20.12 12.11
F1 A1ICJ B . -0.47 -29.80 10.29
F2 A1ICJ B . 0.11 -29.65 8.16
F3 A1ICJ B . -1.72 -28.67 8.74
N1 A1ICJ B . 4.40 -24.86 10.53
N2 A1ICJ B . 5.26 -23.73 10.63
O1 A1ICJ B . 2.66 -23.45 10.17
O2 A1ICJ B . 6.19 -23.68 8.57
O3 A1ICJ B . 4.61 -23.04 12.79
C1 CIT C . 14.27 3.63 -6.12
O1 CIT C . 14.02 3.86 -7.33
O2 CIT C . 14.49 4.46 -5.21
C2 CIT C . 14.29 2.16 -5.66
C3 CIT C . 13.17 1.72 -4.69
O7 CIT C . 13.17 2.62 -3.59
C4 CIT C . 11.80 1.73 -5.40
C5 CIT C . 10.57 1.50 -4.52
O3 CIT C . 9.57 0.92 -5.00
O4 CIT C . 10.64 1.92 -3.33
C6 CIT C . 13.54 0.27 -4.27
O5 CIT C . 14.72 -0.08 -4.56
O6 CIT C . 12.67 -0.42 -3.70
C1 GOL D . 6.27 -18.26 2.05
O1 GOL D . 6.97 -19.39 1.59
C2 GOL D . 6.82 -17.07 1.30
O2 GOL D . 6.13 -15.89 1.68
C3 GOL D . 8.32 -16.99 1.58
O3 GOL D . 8.72 -18.26 2.08
C1 GOL E . 9.53 -1.65 3.33
O1 GOL E . 8.80 -1.90 4.50
C2 GOL E . 10.61 -0.64 3.63
O2 GOL E . 10.00 0.63 3.71
C3 GOL E . 11.27 -1.01 4.96
O3 GOL E . 10.23 -1.44 5.83
C1 GOL F . -9.07 2.08 -17.64
O1 GOL F . -9.72 1.27 -18.59
C2 GOL F . -8.89 1.30 -16.35
O2 GOL F . -8.25 2.08 -15.34
C3 GOL F . -10.19 0.63 -15.92
O3 GOL F . -10.63 -0.24 -16.96
C1 GOL G . -7.46 9.81 -16.42
O1 GOL G . -8.70 10.46 -16.58
C2 GOL G . -6.65 9.88 -17.71
O2 GOL G . -6.59 11.21 -18.16
C3 GOL G . -7.15 8.90 -18.78
O3 GOL G . -8.54 9.10 -19.00
C1 GOL H . 10.49 25.95 1.08
O1 GOL H . 10.44 25.21 -0.12
C2 GOL H . 9.83 25.13 2.17
O2 GOL H . 10.39 23.83 2.20
C3 GOL H . 8.30 25.11 2.03
O3 GOL H . 7.95 25.18 0.66
C1 GOL I . -15.06 2.09 13.74
O1 GOL I . -16.26 2.75 14.10
C2 GOL I . -14.22 1.71 14.96
O2 GOL I . -14.56 0.42 15.41
C3 GOL I . -14.41 2.73 16.07
O3 GOL I . -15.77 2.71 16.41
C1 GOL J . -15.02 -3.83 14.01
O1 GOL J . -14.95 -4.86 14.97
C2 GOL J . -13.74 -3.78 13.20
O2 GOL J . -13.75 -4.83 12.26
C3 GOL J . -13.57 -2.43 12.52
O3 GOL J . -13.65 -1.41 13.50
C1 GOL K . 12.40 -13.74 6.94
O1 GOL K . 11.35 -12.80 6.96
C2 GOL K . 12.60 -14.32 8.34
O2 GOL K . 11.47 -15.08 8.68
C3 GOL K . 12.86 -13.21 9.33
O3 GOL K . 13.20 -13.79 10.58
C1 GOL L . 10.39 -10.20 -21.06
O1 GOL L . 10.90 -10.74 -19.86
C2 GOL L . 8.88 -10.27 -21.04
O2 GOL L . 8.34 -9.40 -22.01
C3 GOL L . 8.42 -11.71 -21.26
O3 GOL L . 9.45 -12.41 -21.92
#